data_1ZUD
#
_entry.id   1ZUD
#
_cell.length_a   49.505
_cell.length_b   111.171
_cell.length_c   114.153
_cell.angle_alpha   90.00
_cell.angle_beta   90.00
_cell.angle_gamma   90.00
#
_symmetry.space_group_name_H-M   'P 21 21 21'
#
loop_
_entity.id
_entity.type
_entity.pdbx_description
1 polymer 'Adenylyltransferase thiF'
2 polymer 'ThiS protein'
3 non-polymer 'ZINC ION'
4 non-polymer 'CALCIUM ION'
5 non-polymer 'SODIUM ION'
6 water water
#
loop_
_entity_poly.entity_id
_entity_poly.type
_entity_poly.pdbx_seq_one_letter_code
_entity_poly.pdbx_strand_id
1 'polypeptide(L)'
;MNDRDFMRYSRQILLDDIALDGQQKLLDSQVLIIGLGGLGTPAALYLAGAGVGTLVLADDDDVHLSNLQRQILFTTEDID
RPKSQVSQQRLTQLNPDIQLTALQQRLTGEALKDAVARADVVLDCTDNMATRQEINAACVALNTPLITASAVGFGGQLMV
LTPPWEQGCYRCLWPDNQEPERNCRTAGVVGPVVGVMGTLQALEAIKLLSGIETPAGELRLFDGKSSQWRSLALRRASGC
PVCGGSNADPV
;
1,3
2 'polypeptide(L)' MQILFNDQAMQCAAGQTVHELLEQLDQRQAGAALAINQQIVPREQWAQHIVQDGDQILLFQVIAGG 2,4
#
loop_
_chem_comp.id
_chem_comp.type
_chem_comp.name
_chem_comp.formula
CA non-polymer 'CALCIUM ION' 'Ca 2'
NA non-polymer 'SODIUM ION' 'Na 1'
ZN non-polymer 'ZINC ION' 'Zn 2'
#
# COMPACT_ATOMS: atom_id res chain seq x y z
N MET A 1 -14.24 24.44 12.91
CA MET A 1 -14.79 23.13 13.41
C MET A 1 -14.67 23.10 14.93
N ASN A 2 -15.49 22.27 15.57
CA ASN A 2 -15.47 22.16 17.03
C ASN A 2 -14.20 21.53 17.58
N ASP A 3 -14.00 21.69 18.88
CA ASP A 3 -12.82 21.19 19.54
C ASP A 3 -12.60 19.68 19.40
N ARG A 4 -13.68 18.90 19.49
CA ARG A 4 -13.57 17.46 19.37
C ARG A 4 -13.02 17.07 17.96
N ASP A 5 -13.53 17.68 16.89
CA ASP A 5 -13.00 17.38 15.54
C ASP A 5 -11.53 17.82 15.41
N PHE A 6 -11.19 18.95 15.99
CA PHE A 6 -9.80 19.41 15.92
C PHE A 6 -8.83 18.38 16.52
N MET A 7 -9.11 17.93 17.74
CA MET A 7 -8.24 16.89 18.33
C MET A 7 -8.22 15.58 17.52
N ARG A 8 -9.42 15.12 17.18
CA ARG A 8 -9.57 13.88 16.40
C ARG A 8 -8.75 13.90 15.11
N TYR A 9 -8.78 15.03 14.35
CA TYR A 9 -8.06 15.12 13.09
C TYR A 9 -6.73 15.85 13.15
N SER A 10 -6.24 16.06 14.35
CA SER A 10 -5.03 16.83 14.57
C SER A 10 -3.83 16.34 13.79
N ARG A 11 -3.62 15.02 13.70
CA ARG A 11 -2.42 14.56 12.99
C ARG A 11 -2.41 14.82 11.50
N GLN A 12 -3.58 15.02 10.87
CA GLN A 12 -3.51 15.42 9.47
C GLN A 12 -3.66 16.92 9.34
N ILE A 13 -4.26 17.58 10.34
CA ILE A 13 -4.35 19.07 10.32
C ILE A 13 -2.94 19.68 10.44
N LEU A 14 -2.04 18.94 11.08
CA LEU A 14 -0.66 19.39 11.23
C LEU A 14 -0.01 19.49 9.86
N LEU A 15 -0.50 18.73 8.88
CA LEU A 15 0.09 18.81 7.52
C LEU A 15 -0.35 20.07 6.78
N ASP A 16 0.63 20.86 6.34
CA ASP A 16 0.29 22.14 5.71
C ASP A 16 -0.56 21.98 4.45
N ASP A 17 -0.43 20.83 3.77
CA ASP A 17 -1.22 20.56 2.58
C ASP A 17 -2.69 20.29 2.91
N ILE A 18 -3.02 20.00 4.16
CA ILE A 18 -4.42 19.75 4.51
C ILE A 18 -4.80 20.85 5.43
N ALA A 19 -4.23 20.85 6.63
CA ALA A 19 -4.50 21.94 7.55
C ALA A 19 -6.03 22.11 7.89
N LEU A 20 -6.41 23.27 8.40
CA LEU A 20 -7.81 23.51 8.79
C LEU A 20 -8.77 23.58 7.61
N ASP A 21 -8.37 24.29 6.55
CA ASP A 21 -9.25 24.38 5.38
C ASP A 21 -9.35 23.05 4.67
N GLY A 22 -8.26 22.29 4.59
CA GLY A 22 -8.35 21.00 3.94
C GLY A 22 -9.24 20.02 4.71
N GLN A 23 -9.16 20.07 6.02
CA GLN A 23 -9.97 19.15 6.81
C GLN A 23 -11.46 19.49 6.69
N GLN A 24 -11.74 20.78 6.65
CA GLN A 24 -13.12 21.29 6.55
C GLN A 24 -13.68 20.80 5.25
N LYS A 25 -12.83 20.82 4.20
CA LYS A 25 -13.27 20.33 2.89
C LYS A 25 -13.62 18.83 2.99
N LEU A 26 -12.78 18.05 3.68
CA LEU A 26 -13.15 16.64 3.82
C LEU A 26 -14.51 16.54 4.58
N LEU A 27 -14.63 17.32 5.64
CA LEU A 27 -15.86 17.25 6.44
C LEU A 27 -17.11 17.65 5.63
N ASP A 28 -16.95 18.47 4.60
CA ASP A 28 -18.08 18.92 3.77
C ASP A 28 -18.29 17.97 2.58
N SER A 29 -17.46 16.93 2.44
CA SER A 29 -17.56 16.04 1.28
C SER A 29 -18.40 14.79 1.50
N GLN A 30 -18.73 14.14 0.38
CA GLN A 30 -19.52 12.92 0.41
C GLN A 30 -18.88 11.88 -0.49
N VAL A 31 -18.61 10.69 0.06
CA VAL A 31 -18.00 9.63 -0.74
C VAL A 31 -18.88 8.40 -0.79
N LEU A 32 -19.06 7.88 -1.99
CA LEU A 32 -19.84 6.66 -2.21
C LEU A 32 -18.87 5.53 -2.41
N ILE A 33 -18.96 4.53 -1.55
CA ILE A 33 -18.11 3.35 -1.66
C ILE A 33 -19.03 2.17 -2.06
N ILE A 34 -18.85 1.67 -3.28
CA ILE A 34 -19.61 0.56 -3.82
C ILE A 34 -18.85 -0.77 -3.70
N GLY A 35 -19.28 -1.61 -2.75
CA GLY A 35 -18.63 -2.90 -2.50
C GLY A 35 -17.88 -2.80 -1.15
N LEU A 36 -18.25 -3.62 -0.18
CA LEU A 36 -17.64 -3.61 1.13
C LEU A 36 -16.89 -4.93 1.38
N GLY A 37 -15.95 -5.24 0.50
CA GLY A 37 -15.16 -6.47 0.63
C GLY A 37 -13.68 -6.12 0.85
N GLY A 38 -12.80 -6.90 0.23
CA GLY A 38 -11.39 -6.65 0.40
C GLY A 38 -10.93 -5.22 0.15
N LEU A 39 -11.49 -4.59 -0.87
CA LEU A 39 -11.14 -3.22 -1.20
C LEU A 39 -11.87 -2.19 -0.39
N GLY A 40 -13.17 -2.38 -0.28
CA GLY A 40 -13.97 -1.39 0.42
C GLY A 40 -13.83 -1.25 1.89
N THR A 41 -13.51 -2.33 2.60
CA THR A 41 -13.43 -2.18 4.02
C THR A 41 -12.23 -1.37 4.45
N PRO A 42 -11.01 -1.65 3.92
CA PRO A 42 -9.94 -0.76 4.42
C PRO A 42 -10.24 0.65 3.93
N ALA A 43 -10.75 0.80 2.72
CA ALA A 43 -10.99 2.17 2.27
C ALA A 43 -11.96 2.95 3.16
N ALA A 44 -13.03 2.27 3.56
CA ALA A 44 -14.02 2.95 4.40
C ALA A 44 -13.44 3.26 5.76
N LEU A 45 -12.65 2.35 6.31
CA LEU A 45 -12.04 2.61 7.60
C LEU A 45 -11.15 3.86 7.56
N TYR A 46 -10.33 4.04 6.51
CA TYR A 46 -9.44 5.17 6.46
C TYR A 46 -10.18 6.42 6.16
N LEU A 47 -11.22 6.33 5.35
CA LEU A 47 -11.96 7.54 5.02
C LEU A 47 -12.75 8.03 6.23
N ALA A 48 -13.28 7.11 7.03
CA ALA A 48 -14.02 7.51 8.27
C ALA A 48 -13.02 8.14 9.28
N GLY A 49 -11.85 7.53 9.39
CA GLY A 49 -10.86 8.07 10.32
C GLY A 49 -10.39 9.45 9.88
N ALA A 50 -10.33 9.67 8.59
CA ALA A 50 -9.84 10.93 8.04
C ALA A 50 -10.87 12.03 8.12
N GLY A 51 -12.12 11.69 8.45
CA GLY A 51 -13.08 12.77 8.58
C GLY A 51 -13.89 13.15 7.35
N VAL A 52 -14.09 12.23 6.41
CA VAL A 52 -14.94 12.51 5.26
C VAL A 52 -16.36 12.66 5.92
N GLY A 53 -17.02 13.77 5.65
CA GLY A 53 -18.31 14.12 6.24
C GLY A 53 -19.41 13.10 6.12
N THR A 54 -19.57 12.56 4.92
CA THR A 54 -20.56 11.52 4.78
C THR A 54 -20.07 10.44 3.88
N LEU A 55 -20.21 9.24 4.39
CA LEU A 55 -19.81 8.05 3.66
C LEU A 55 -21.04 7.23 3.37
N VAL A 56 -21.26 6.90 2.10
CA VAL A 56 -22.39 6.07 1.69
C VAL A 56 -21.78 4.71 1.36
N LEU A 57 -22.18 3.69 2.11
CA LEU A 57 -21.64 2.31 1.98
C LEU A 57 -22.65 1.39 1.29
N ALA A 58 -22.33 0.93 0.10
CA ALA A 58 -23.25 0.07 -0.66
C ALA A 58 -22.79 -1.39 -0.83
N ASP A 59 -23.62 -2.33 -0.41
CA ASP A 59 -23.29 -3.77 -0.59
C ASP A 59 -24.54 -4.59 -0.30
N ASP A 60 -24.76 -5.68 -1.02
CA ASP A 60 -25.95 -6.51 -0.72
C ASP A 60 -25.60 -7.94 -0.29
N ASP A 61 -24.41 -8.14 0.28
CA ASP A 61 -23.97 -9.45 0.72
C ASP A 61 -24.04 -9.51 2.22
N ASP A 62 -23.93 -10.71 2.79
CA ASP A 62 -23.87 -10.87 4.22
C ASP A 62 -22.44 -11.27 4.54
N VAL A 63 -22.02 -11.09 5.79
CA VAL A 63 -20.68 -11.49 6.17
C VAL A 63 -20.59 -13.04 6.26
N HIS A 64 -19.53 -13.57 5.67
CA HIS A 64 -19.27 -14.99 5.67
C HIS A 64 -17.87 -15.26 6.28
N LEU A 65 -17.72 -16.39 6.96
CA LEU A 65 -16.47 -16.74 7.59
C LEU A 65 -15.25 -16.56 6.66
N SER A 66 -15.36 -17.07 5.44
CA SER A 66 -14.24 -16.98 4.49
C SER A 66 -13.87 -15.54 4.10
N ASN A 67 -14.72 -14.58 4.48
CA ASN A 67 -14.48 -13.14 4.20
C ASN A 67 -13.40 -12.54 5.13
N LEU A 68 -13.32 -13.06 6.35
CA LEU A 68 -12.47 -12.50 7.41
C LEU A 68 -10.97 -12.45 7.13
N GLN A 69 -10.52 -13.26 6.19
CA GLN A 69 -9.12 -13.32 5.81
C GLN A 69 -8.71 -11.99 5.14
N ARG A 70 -9.66 -11.19 4.69
CA ARG A 70 -9.29 -9.93 4.04
C ARG A 70 -10.24 -8.75 4.25
N GLN A 71 -11.42 -9.01 4.79
CA GLN A 71 -12.38 -7.89 4.99
C GLN A 71 -12.28 -7.58 6.48
N ILE A 72 -11.27 -6.75 6.77
CA ILE A 72 -10.85 -6.36 8.12
C ILE A 72 -11.76 -5.55 9.00
N LEU A 73 -12.85 -5.07 8.45
CA LEU A 73 -13.79 -4.33 9.23
C LEU A 73 -14.73 -5.30 10.00
N PHE A 74 -14.83 -6.55 9.54
CA PHE A 74 -15.75 -7.54 10.14
C PHE A 74 -15.16 -8.46 11.21
N THR A 75 -16.03 -9.10 11.98
CA THR A 75 -15.59 -10.03 13.01
C THR A 75 -16.42 -11.32 12.93
N THR A 76 -15.98 -12.34 13.65
CA THR A 76 -16.70 -13.61 13.67
C THR A 76 -18.15 -13.43 14.16
N GLU A 77 -18.41 -12.49 15.06
CA GLU A 77 -19.79 -12.30 15.52
C GLU A 77 -20.69 -11.63 14.48
N ASP A 78 -20.10 -11.12 13.39
CA ASP A 78 -20.92 -10.47 12.35
C ASP A 78 -21.40 -11.48 11.30
N ILE A 79 -20.92 -12.72 11.36
CA ILE A 79 -21.29 -13.71 10.34
C ILE A 79 -22.80 -13.84 10.18
N ASP A 80 -23.25 -13.78 8.92
CA ASP A 80 -24.65 -13.86 8.52
C ASP A 80 -25.38 -12.54 8.65
N ARG A 81 -24.67 -11.48 9.01
CA ARG A 81 -25.37 -10.20 9.08
C ARG A 81 -25.07 -9.45 7.80
N PRO A 82 -25.94 -8.51 7.38
CA PRO A 82 -25.77 -7.72 6.15
C PRO A 82 -24.50 -6.85 6.23
N LYS A 83 -23.59 -6.93 5.25
CA LYS A 83 -22.35 -6.14 5.31
C LYS A 83 -22.53 -4.63 5.47
N SER A 84 -23.48 -4.01 4.76
CA SER A 84 -23.61 -2.57 4.87
C SER A 84 -24.00 -2.15 6.27
N GLN A 85 -24.81 -2.96 6.96
CA GLN A 85 -25.25 -2.64 8.32
C GLN A 85 -24.14 -2.83 9.35
N VAL A 86 -23.41 -3.93 9.20
CA VAL A 86 -22.30 -4.20 10.11
C VAL A 86 -21.22 -3.10 9.92
N SER A 87 -21.00 -2.70 8.67
CA SER A 87 -20.01 -1.67 8.36
C SER A 87 -20.39 -0.37 9.00
N GLN A 88 -21.67 -0.02 8.84
CA GLN A 88 -22.17 1.21 9.38
C GLN A 88 -21.98 1.25 10.90
N GLN A 89 -22.24 0.11 11.55
CA GLN A 89 -22.11 -0.04 13.00
C GLN A 89 -20.64 0.09 13.48
N ARG A 90 -19.78 -0.71 12.85
CA ARG A 90 -18.36 -0.68 13.24
C ARG A 90 -17.75 0.69 12.94
N LEU A 91 -18.05 1.28 11.77
CA LEU A 91 -17.45 2.60 11.46
C LEU A 91 -17.92 3.70 12.41
N THR A 92 -19.17 3.57 12.89
CA THR A 92 -19.70 4.51 13.85
C THR A 92 -18.89 4.48 15.16
N GLN A 93 -18.48 3.28 15.56
CA GLN A 93 -17.69 3.11 16.78
C GLN A 93 -16.32 3.82 16.57
N LEU A 94 -15.77 3.74 15.37
CA LEU A 94 -14.48 4.41 15.07
C LEU A 94 -14.65 5.94 15.06
N ASN A 95 -15.69 6.43 14.36
CA ASN A 95 -15.95 7.87 14.28
C ASN A 95 -17.47 8.13 14.35
N PRO A 96 -17.97 8.51 15.53
CA PRO A 96 -19.42 8.76 15.64
C PRO A 96 -19.80 10.15 15.23
N ASP A 97 -18.83 10.94 14.78
CA ASP A 97 -19.13 12.29 14.44
C ASP A 97 -19.34 12.61 12.97
N ILE A 98 -19.35 11.60 12.10
CA ILE A 98 -19.61 11.88 10.70
C ILE A 98 -20.92 11.15 10.34
N GLN A 99 -21.38 11.35 9.12
CA GLN A 99 -22.62 10.69 8.68
C GLN A 99 -22.30 9.42 7.91
N LEU A 100 -22.84 8.30 8.37
CA LEU A 100 -22.63 6.99 7.73
C LEU A 100 -23.96 6.46 7.21
N THR A 101 -24.11 6.34 5.90
CA THR A 101 -25.35 5.86 5.31
C THR A 101 -25.11 4.48 4.70
N ALA A 102 -25.95 3.53 5.08
CA ALA A 102 -25.82 2.17 4.56
C ALA A 102 -26.88 1.87 3.51
N LEU A 103 -26.47 1.32 2.37
CA LEU A 103 -27.41 0.92 1.32
C LEU A 103 -27.28 -0.60 1.13
N GLN A 104 -28.26 -1.36 1.63
CA GLN A 104 -28.24 -2.83 1.55
C GLN A 104 -28.85 -3.24 0.23
N GLN A 105 -28.08 -3.23 -0.84
CA GLN A 105 -28.64 -3.57 -2.14
C GLN A 105 -27.60 -3.60 -3.23
N ARG A 106 -28.03 -4.07 -4.39
CA ARG A 106 -27.15 -4.11 -5.52
C ARG A 106 -27.54 -2.81 -6.24
N LEU A 107 -26.69 -1.78 -6.08
CA LEU A 107 -26.89 -0.46 -6.67
C LEU A 107 -26.82 -0.55 -8.16
N THR A 108 -27.94 -0.23 -8.80
CA THR A 108 -27.97 -0.31 -10.25
C THR A 108 -29.03 0.62 -10.80
N GLY A 109 -29.05 0.80 -12.12
CA GLY A 109 -30.07 1.68 -12.66
C GLY A 109 -30.19 3.04 -12.02
N GLU A 110 -31.45 3.44 -11.76
CA GLU A 110 -31.77 4.76 -11.19
C GLU A 110 -31.17 5.05 -9.84
N ALA A 111 -31.18 4.05 -8.99
CA ALA A 111 -30.63 4.16 -7.65
C ALA A 111 -29.10 4.43 -7.68
N LEU A 112 -28.41 3.79 -8.62
CA LEU A 112 -26.97 3.98 -8.74
C LEU A 112 -26.78 5.44 -9.15
N LYS A 113 -27.54 5.87 -10.17
CA LYS A 113 -27.44 7.24 -10.66
C LYS A 113 -27.70 8.33 -9.60
N ASP A 114 -28.67 8.14 -8.72
CA ASP A 114 -28.92 9.13 -7.67
C ASP A 114 -27.79 9.16 -6.65
N ALA A 115 -27.19 8.01 -6.38
CA ALA A 115 -26.13 7.99 -5.40
C ALA A 115 -24.83 8.61 -5.94
N VAL A 116 -24.51 8.34 -7.22
CA VAL A 116 -23.33 8.90 -7.88
C VAL A 116 -23.55 10.39 -8.01
N ALA A 117 -24.81 10.78 -8.25
CA ALA A 117 -25.12 12.20 -8.37
C ALA A 117 -24.75 12.91 -7.08
N ARG A 118 -25.22 12.39 -5.95
CA ARG A 118 -24.92 13.04 -4.66
C ARG A 118 -23.46 12.96 -4.17
N ALA A 119 -22.69 11.99 -4.68
CA ALA A 119 -21.31 11.83 -4.24
C ALA A 119 -20.34 12.84 -4.86
N ASP A 120 -19.31 13.25 -4.12
CA ASP A 120 -18.28 14.11 -4.69
C ASP A 120 -17.24 13.21 -5.39
N VAL A 121 -17.10 11.97 -4.89
CA VAL A 121 -16.18 11.01 -5.53
C VAL A 121 -16.79 9.66 -5.27
N VAL A 122 -16.59 8.74 -6.21
CA VAL A 122 -17.10 7.38 -6.07
C VAL A 122 -15.90 6.41 -6.07
N LEU A 123 -15.96 5.44 -5.16
CA LEU A 123 -14.95 4.36 -5.05
C LEU A 123 -15.59 3.07 -5.49
N ASP A 124 -15.04 2.52 -6.56
CA ASP A 124 -15.52 1.26 -7.16
C ASP A 124 -14.70 0.18 -6.51
N CYS A 125 -15.37 -0.52 -5.60
CA CYS A 125 -14.74 -1.60 -4.88
C CYS A 125 -15.51 -2.89 -5.10
N THR A 126 -16.02 -3.08 -6.32
CA THR A 126 -16.80 -4.28 -6.65
C THR A 126 -15.93 -5.39 -7.22
N ASP A 127 -16.57 -6.47 -7.60
CA ASP A 127 -15.80 -7.62 -8.03
C ASP A 127 -16.18 -8.27 -9.34
N ASN A 128 -16.66 -7.50 -10.31
CA ASN A 128 -17.00 -8.14 -11.57
C ASN A 128 -17.12 -7.00 -12.60
N MET A 129 -16.75 -7.30 -13.85
CA MET A 129 -16.74 -6.28 -14.90
C MET A 129 -18.07 -5.61 -15.25
N ALA A 130 -19.16 -6.38 -15.26
CA ALA A 130 -20.45 -5.80 -15.62
C ALA A 130 -20.73 -4.64 -14.66
N THR A 131 -20.61 -4.87 -13.36
CA THR A 131 -20.84 -3.80 -12.38
C THR A 131 -19.87 -2.61 -12.51
N ARG A 132 -18.57 -2.88 -12.69
CA ARG A 132 -17.59 -1.83 -12.89
C ARG A 132 -17.93 -0.99 -14.15
N GLN A 133 -18.38 -1.62 -15.25
CA GLN A 133 -18.77 -0.88 -16.46
C GLN A 133 -20.00 -0.01 -16.18
N GLU A 134 -20.95 -0.54 -15.41
CA GLU A 134 -22.14 0.27 -15.12
C GLU A 134 -21.78 1.48 -14.22
N ILE A 135 -20.94 1.26 -13.20
CA ILE A 135 -20.54 2.39 -12.35
C ILE A 135 -19.75 3.44 -13.19
N ASN A 136 -18.84 2.98 -14.05
CA ASN A 136 -18.05 3.90 -14.87
C ASN A 136 -19.01 4.75 -15.76
N ALA A 137 -20.03 4.11 -16.32
CA ALA A 137 -20.98 4.83 -17.19
C ALA A 137 -21.70 5.91 -16.41
N ALA A 138 -22.11 5.61 -15.17
CA ALA A 138 -22.82 6.57 -14.34
C ALA A 138 -21.88 7.74 -13.93
N CYS A 139 -20.63 7.44 -13.56
CA CYS A 139 -19.70 8.52 -13.18
C CYS A 139 -19.40 9.51 -14.31
N VAL A 140 -19.15 9.02 -15.51
CA VAL A 140 -18.90 9.93 -16.63
C VAL A 140 -20.18 10.78 -16.93
N ALA A 141 -21.33 10.11 -17.00
CA ALA A 141 -22.58 10.81 -17.30
C ALA A 141 -22.87 11.88 -16.26
N LEU A 142 -22.60 11.56 -14.99
CA LEU A 142 -22.83 12.52 -13.92
C LEU A 142 -21.59 13.37 -13.62
N ASN A 143 -20.58 13.25 -14.43
CA ASN A 143 -19.38 14.04 -14.27
C ASN A 143 -18.80 13.98 -12.83
N THR A 144 -18.70 12.77 -12.25
CA THR A 144 -18.21 12.56 -10.90
C THR A 144 -16.89 11.73 -11.00
N PRO A 145 -15.82 12.16 -10.31
CA PRO A 145 -14.54 11.40 -10.38
C PRO A 145 -14.76 9.99 -9.85
N LEU A 146 -14.03 9.04 -10.40
CA LEU A 146 -14.13 7.65 -10.01
C LEU A 146 -12.72 7.10 -9.67
N ILE A 147 -12.62 6.49 -8.50
CA ILE A 147 -11.37 5.84 -8.12
C ILE A 147 -11.66 4.34 -8.12
N THR A 148 -11.04 3.62 -9.05
CA THR A 148 -11.26 2.18 -9.22
C THR A 148 -9.98 1.38 -9.02
N ALA A 149 -10.11 0.26 -8.31
CA ALA A 149 -8.99 -0.67 -8.04
C ALA A 149 -9.51 -2.09 -8.07
N SER A 150 -8.58 -3.03 -8.20
CA SER A 150 -8.90 -4.45 -8.25
C SER A 150 -7.65 -5.22 -7.78
N ALA A 151 -7.89 -6.48 -7.42
CA ALA A 151 -6.85 -7.38 -6.96
C ALA A 151 -7.28 -8.80 -7.08
N VAL A 152 -6.31 -9.66 -7.36
CA VAL A 152 -6.53 -11.09 -7.43
C VAL A 152 -5.15 -11.71 -7.27
N GLY A 153 -5.06 -12.81 -6.52
CA GLY A 153 -3.77 -13.44 -6.26
C GLY A 153 -2.81 -12.44 -5.60
N PHE A 154 -1.68 -12.19 -6.25
CA PHE A 154 -0.68 -11.26 -5.73
C PHE A 154 -0.67 -9.96 -6.52
N GLY A 155 -1.66 -9.80 -7.42
CA GLY A 155 -1.69 -8.60 -8.29
C GLY A 155 -2.75 -7.54 -8.00
N GLY A 156 -2.46 -6.28 -8.32
CA GLY A 156 -3.45 -5.25 -8.10
C GLY A 156 -3.38 -4.23 -9.22
N GLN A 157 -4.48 -3.54 -9.46
CA GLN A 157 -4.52 -2.48 -10.48
C GLN A 157 -5.34 -1.34 -9.89
N LEU A 158 -4.93 -0.11 -10.19
CA LEU A 158 -5.65 1.06 -9.67
C LEU A 158 -5.60 2.22 -10.69
N MET A 159 -6.68 2.98 -10.82
CA MET A 159 -6.67 4.18 -11.69
C MET A 159 -7.60 5.23 -11.08
N VAL A 160 -7.22 6.50 -11.24
CA VAL A 160 -8.03 7.62 -10.77
C VAL A 160 -8.57 8.26 -12.04
N LEU A 161 -9.89 8.22 -12.22
CA LEU A 161 -10.50 8.77 -13.45
C LEU A 161 -11.26 10.05 -13.13
N THR A 162 -10.83 11.16 -13.71
CA THR A 162 -11.51 12.40 -13.40
C THR A 162 -11.96 13.28 -14.60
N PRO A 163 -13.07 14.04 -14.45
CA PRO A 163 -13.58 14.95 -15.51
C PRO A 163 -12.38 15.87 -15.79
N PRO A 164 -12.15 16.34 -17.05
CA PRO A 164 -12.90 16.11 -18.29
C PRO A 164 -12.56 14.79 -19.03
N TRP A 165 -12.14 13.75 -18.28
CA TRP A 165 -11.82 12.43 -18.87
C TRP A 165 -10.81 12.49 -20.03
N GLU A 166 -9.82 13.35 -19.88
CA GLU A 166 -8.76 13.55 -20.88
C GLU A 166 -7.98 12.26 -21.22
N GLN A 167 -7.83 11.36 -20.25
CA GLN A 167 -7.16 10.07 -20.48
C GLN A 167 -8.21 8.94 -20.62
N GLY A 168 -9.46 9.30 -20.89
CA GLY A 168 -10.47 8.29 -21.09
C GLY A 168 -11.13 7.78 -19.82
N CYS A 169 -11.82 6.65 -19.95
CA CYS A 169 -12.56 6.08 -18.84
C CYS A 169 -12.26 4.59 -18.72
N TYR A 170 -13.05 3.91 -17.89
CA TYR A 170 -12.81 2.49 -17.66
C TYR A 170 -13.05 1.71 -18.96
N ARG A 171 -14.07 2.14 -19.69
CA ARG A 171 -14.43 1.50 -20.92
C ARG A 171 -13.43 1.75 -22.04
N CYS A 172 -12.68 2.83 -21.98
CA CYS A 172 -11.64 3.04 -22.99
C CYS A 172 -10.53 2.01 -22.78
N LEU A 173 -10.27 1.66 -21.51
CA LEU A 173 -9.21 0.68 -21.20
C LEU A 173 -9.70 -0.76 -21.43
N TRP A 174 -10.91 -1.03 -20.97
CA TRP A 174 -11.46 -2.37 -21.09
C TRP A 174 -12.74 -2.29 -21.92
N PRO A 175 -12.62 -2.45 -23.24
CA PRO A 175 -13.88 -2.36 -23.97
C PRO A 175 -14.59 -3.72 -23.90
N ALA A 187 -8.58 -17.55 -8.79
CA ALA A 187 -8.19 -18.27 -7.59
C ALA A 187 -8.45 -17.39 -6.36
N GLY A 188 -7.55 -17.45 -5.41
CA GLY A 188 -7.81 -16.61 -4.27
C GLY A 188 -7.15 -15.26 -4.41
N VAL A 189 -6.87 -14.71 -3.26
CA VAL A 189 -6.21 -13.44 -3.22
C VAL A 189 -5.59 -13.40 -1.86
N VAL A 190 -4.44 -12.75 -1.78
CA VAL A 190 -3.71 -12.53 -0.52
C VAL A 190 -4.33 -11.30 0.14
N GLY A 191 -4.67 -11.38 1.42
CA GLY A 191 -5.31 -10.26 2.08
C GLY A 191 -4.61 -8.91 1.98
N PRO A 192 -3.31 -8.85 2.31
CA PRO A 192 -2.69 -7.54 2.21
C PRO A 192 -2.54 -7.00 0.80
N VAL A 193 -2.65 -7.84 -0.24
CA VAL A 193 -2.56 -7.24 -1.58
C VAL A 193 -3.87 -6.49 -1.88
N VAL A 194 -5.00 -7.13 -1.59
CA VAL A 194 -6.23 -6.36 -1.91
C VAL A 194 -6.34 -5.18 -0.95
N GLY A 195 -5.87 -5.40 0.28
CA GLY A 195 -5.85 -4.36 1.29
C GLY A 195 -5.01 -3.13 0.89
N VAL A 196 -3.82 -3.35 0.33
CA VAL A 196 -3.04 -2.21 -0.10
C VAL A 196 -3.77 -1.44 -1.19
N MET A 197 -4.49 -2.15 -2.08
CA MET A 197 -5.20 -1.46 -3.15
C MET A 197 -6.37 -0.61 -2.63
N GLY A 198 -7.12 -1.15 -1.68
CA GLY A 198 -8.25 -0.41 -1.13
C GLY A 198 -7.77 0.81 -0.33
N THR A 199 -6.65 0.64 0.38
CA THR A 199 -6.09 1.73 1.17
C THR A 199 -5.60 2.83 0.25
N LEU A 200 -5.01 2.45 -0.88
CA LEU A 200 -4.56 3.46 -1.84
C LEU A 200 -5.77 4.17 -2.47
N GLN A 201 -6.90 3.49 -2.58
CA GLN A 201 -8.10 4.18 -3.09
C GLN A 201 -8.46 5.26 -2.11
N ALA A 202 -8.36 4.99 -0.81
CA ALA A 202 -8.69 5.99 0.20
C ALA A 202 -7.70 7.17 0.09
N LEU A 203 -6.43 6.85 -0.08
CA LEU A 203 -5.47 7.94 -0.22
C LEU A 203 -5.83 8.83 -1.42
N GLU A 204 -6.22 8.25 -2.55
CA GLU A 204 -6.51 9.10 -3.70
C GLU A 204 -7.74 10.00 -3.44
N ALA A 205 -8.71 9.46 -2.74
CA ALA A 205 -9.91 10.24 -2.44
C ALA A 205 -9.56 11.42 -1.53
N ILE A 206 -8.72 11.18 -0.53
CA ILE A 206 -8.37 12.28 0.38
C ILE A 206 -7.71 13.40 -0.36
N LYS A 207 -6.82 13.05 -1.28
CA LYS A 207 -6.11 14.06 -2.03
C LYS A 207 -7.07 14.85 -2.96
N LEU A 208 -7.93 14.11 -3.65
CA LEU A 208 -8.87 14.74 -4.58
C LEU A 208 -9.83 15.63 -3.78
N LEU A 209 -10.34 15.14 -2.64
CA LEU A 209 -11.32 15.98 -1.89
C LEU A 209 -10.65 17.18 -1.22
N SER A 210 -9.39 17.05 -0.81
CA SER A 210 -8.75 18.16 -0.14
C SER A 210 -8.05 19.10 -1.13
N GLY A 211 -8.04 18.76 -2.42
CA GLY A 211 -7.44 19.66 -3.40
C GLY A 211 -5.91 19.51 -3.52
N ILE A 212 -5.37 18.35 -3.18
CA ILE A 212 -3.93 18.16 -3.28
C ILE A 212 -3.60 17.75 -4.72
N GLU A 213 -2.67 18.46 -5.34
CA GLU A 213 -2.28 18.19 -6.72
C GLU A 213 -1.60 16.83 -6.75
N THR A 214 -2.05 15.97 -7.66
CA THR A 214 -1.49 14.64 -7.75
C THR A 214 -1.83 14.15 -9.15
N PRO A 215 -1.15 13.12 -9.65
CA PRO A 215 -1.47 12.63 -11.01
C PRO A 215 -2.85 11.94 -11.02
N ALA A 216 -3.46 11.83 -12.20
CA ALA A 216 -4.71 11.07 -12.40
C ALA A 216 -4.55 10.60 -13.83
N GLY A 217 -5.41 9.68 -14.28
CA GLY A 217 -5.25 9.26 -15.65
C GLY A 217 -4.08 8.30 -15.84
N GLU A 218 -3.66 7.62 -14.78
CA GLU A 218 -2.59 6.65 -14.94
C GLU A 218 -3.01 5.29 -14.38
N LEU A 219 -2.68 4.21 -15.06
CA LEU A 219 -3.04 2.93 -14.50
C LEU A 219 -1.82 2.48 -13.69
N ARG A 220 -2.02 2.17 -12.40
CA ARG A 220 -0.90 1.71 -11.58
C ARG A 220 -1.06 0.24 -11.36
N LEU A 221 -0.01 -0.50 -11.68
CA LEU A 221 -0.05 -1.94 -11.53
C LEU A 221 0.92 -2.40 -10.45
N PHE A 222 0.44 -3.32 -9.63
CA PHE A 222 1.23 -3.87 -8.53
C PHE A 222 1.38 -5.39 -8.63
N ASP A 223 2.62 -5.84 -8.57
CA ASP A 223 2.93 -7.28 -8.54
C ASP A 223 3.46 -7.49 -7.10
N GLY A 224 2.62 -8.00 -6.20
CA GLY A 224 3.03 -8.21 -4.80
C GLY A 224 4.08 -9.31 -4.59
N LYS A 225 4.37 -10.11 -5.62
CA LYS A 225 5.35 -11.18 -5.49
C LYS A 225 6.74 -10.65 -5.89
N SER A 226 6.82 -9.83 -6.92
CA SER A 226 8.15 -9.29 -7.27
C SER A 226 8.31 -7.99 -6.47
N SER A 227 7.22 -7.52 -5.84
CA SER A 227 7.19 -6.30 -5.05
C SER A 227 7.48 -5.05 -5.90
N GLN A 228 6.98 -5.05 -7.12
CA GLN A 228 7.22 -3.92 -8.01
C GLN A 228 5.93 -3.27 -8.50
N TRP A 229 6.03 -1.99 -8.86
CA TRP A 229 4.92 -1.20 -9.35
C TRP A 229 5.30 -0.60 -10.70
N ARG A 230 4.30 -0.41 -11.54
CA ARG A 230 4.55 0.26 -12.81
C ARG A 230 3.36 1.17 -13.07
N SER A 231 3.65 2.33 -13.65
CA SER A 231 2.64 3.32 -13.98
C SER A 231 2.56 3.46 -15.49
N LEU A 232 1.35 3.37 -16.02
CA LEU A 232 1.14 3.51 -17.43
C LEU A 232 0.14 4.62 -17.65
N ALA A 233 0.44 5.47 -18.64
CA ALA A 233 -0.45 6.56 -19.04
C ALA A 233 -1.68 5.98 -19.79
N LEU A 234 -2.89 6.26 -19.28
CA LEU A 234 -4.11 5.80 -19.92
C LEU A 234 -4.29 6.68 -21.17
N ARG A 235 -5.13 6.27 -22.10
CA ARG A 235 -5.36 7.04 -23.35
C ARG A 235 -6.84 6.91 -23.73
N ARG A 236 -7.49 8.01 -24.09
CA ARG A 236 -8.92 7.83 -24.42
C ARG A 236 -9.04 7.15 -25.81
N ALA A 237 -10.09 6.34 -25.97
CA ALA A 237 -10.39 5.63 -27.18
C ALA A 237 -11.43 6.48 -27.94
N SER A 238 -11.09 6.87 -29.17
CA SER A 238 -12.03 7.72 -29.94
C SER A 238 -13.41 7.11 -30.06
N GLY A 239 -13.49 5.81 -30.25
CA GLY A 239 -14.82 5.22 -30.36
C GLY A 239 -15.59 4.92 -29.09
N CYS A 240 -15.06 5.30 -27.91
CA CYS A 240 -15.71 4.97 -26.65
C CYS A 240 -17.17 5.41 -26.55
N PRO A 241 -18.08 4.45 -26.33
CA PRO A 241 -19.52 4.70 -26.20
C PRO A 241 -19.87 5.45 -24.94
N VAL A 242 -18.91 5.58 -24.01
CA VAL A 242 -19.20 6.28 -22.76
C VAL A 242 -18.64 7.72 -22.71
N CYS A 243 -17.34 7.89 -23.00
CA CYS A 243 -16.74 9.23 -22.91
C CYS A 243 -16.24 9.78 -24.27
N GLY A 244 -16.55 9.08 -25.37
CA GLY A 244 -16.10 9.56 -26.66
C GLY A 244 -17.02 10.62 -27.29
N GLY A 245 -18.11 11.00 -26.65
CA GLY A 245 -18.96 12.00 -27.27
C GLY A 245 -20.32 11.51 -27.79
N GLN B 2 13.73 -5.41 -33.44
CA GLN B 2 14.14 -5.36 -32.00
C GLN B 2 13.23 -4.48 -31.09
N ILE B 3 12.52 -5.14 -30.17
CA ILE B 3 11.62 -4.47 -29.23
C ILE B 3 11.70 -5.21 -27.90
N LEU B 4 10.97 -4.72 -26.91
CA LEU B 4 10.92 -5.33 -25.59
C LEU B 4 9.46 -5.75 -25.48
N PHE B 5 9.20 -7.01 -25.18
CA PHE B 5 7.85 -7.46 -25.05
C PHE B 5 7.81 -7.99 -23.65
N ASN B 6 6.91 -7.42 -22.86
CA ASN B 6 6.78 -7.80 -21.48
C ASN B 6 8.15 -7.82 -20.80
N ASP B 7 8.89 -6.74 -21.03
CA ASP B 7 10.21 -6.49 -20.45
C ASP B 7 11.33 -7.37 -21.01
N GLN B 8 11.02 -8.19 -22.00
CA GLN B 8 12.01 -9.10 -22.60
C GLN B 8 12.23 -8.86 -24.08
N ALA B 9 13.51 -8.69 -24.42
CA ALA B 9 13.88 -8.45 -25.81
C ALA B 9 13.47 -9.62 -26.69
N MET B 10 13.20 -9.31 -27.94
CA MET B 10 12.83 -10.29 -28.94
C MET B 10 12.86 -9.54 -30.26
N GLN B 11 12.96 -10.27 -31.35
CA GLN B 11 12.97 -9.66 -32.69
C GLN B 11 11.57 -9.74 -33.29
N CYS B 12 11.25 -8.81 -34.19
CA CYS B 12 9.91 -8.77 -34.76
C CYS B 12 9.76 -8.84 -36.29
N ALA B 13 9.62 -7.68 -36.93
CA ALA B 13 9.44 -7.57 -38.38
C ALA B 13 8.87 -6.16 -38.55
N ALA B 14 9.58 -5.31 -39.28
CA ALA B 14 9.16 -3.92 -39.49
C ALA B 14 7.83 -3.77 -40.20
N GLY B 15 7.24 -2.58 -40.07
CA GLY B 15 5.96 -2.29 -40.71
C GLY B 15 4.75 -3.12 -40.26
N GLN B 16 4.91 -3.92 -39.22
CA GLN B 16 3.83 -4.77 -38.72
C GLN B 16 2.93 -4.06 -37.75
N THR B 17 1.64 -4.40 -37.77
CA THR B 17 0.68 -3.81 -36.85
C THR B 17 0.73 -4.53 -35.50
N VAL B 18 0.13 -3.90 -34.49
CA VAL B 18 0.08 -4.52 -33.17
C VAL B 18 -0.66 -5.84 -33.35
N HIS B 19 -1.76 -5.79 -34.11
CA HIS B 19 -2.56 -6.99 -34.35
C HIS B 19 -1.71 -8.08 -35.00
N GLU B 20 -0.96 -7.70 -36.03
CA GLU B 20 -0.09 -8.66 -36.72
C GLU B 20 0.83 -9.33 -35.68
N LEU B 21 1.51 -8.52 -34.88
CA LEU B 21 2.42 -9.04 -33.85
C LEU B 21 1.73 -10.00 -32.87
N LEU B 22 0.64 -9.55 -32.24
CA LEU B 22 -0.08 -10.42 -31.31
C LEU B 22 -0.50 -11.73 -31.99
N GLU B 23 -0.92 -11.67 -33.24
CA GLU B 23 -1.32 -12.89 -33.97
C GLU B 23 -0.20 -13.92 -34.13
N GLN B 24 1.00 -13.44 -34.45
CA GLN B 24 2.14 -14.32 -34.61
C GLN B 24 2.55 -14.96 -33.29
N LEU B 25 2.37 -14.25 -32.19
CA LEU B 25 2.73 -14.73 -30.86
C LEU B 25 1.64 -15.58 -30.23
N ASP B 26 0.50 -15.67 -30.92
CA ASP B 26 -0.63 -16.45 -30.43
C ASP B 26 -1.09 -16.00 -29.04
N GLN B 27 -1.28 -14.70 -28.84
CA GLN B 27 -1.72 -14.25 -27.53
C GLN B 27 -3.18 -13.87 -27.51
N ARG B 28 -3.87 -14.24 -26.43
CA ARG B 28 -5.28 -13.91 -26.26
C ARG B 28 -5.36 -12.40 -26.16
N GLN B 29 -6.30 -11.82 -26.88
CA GLN B 29 -6.47 -10.38 -26.89
C GLN B 29 -7.74 -10.01 -26.11
N ALA B 30 -8.48 -11.02 -25.69
CA ALA B 30 -9.69 -10.80 -24.91
C ALA B 30 -9.24 -10.56 -23.45
N GLY B 31 -9.85 -9.57 -22.81
CA GLY B 31 -9.51 -9.26 -21.44
C GLY B 31 -8.06 -8.78 -21.34
N ALA B 32 -7.48 -8.38 -22.47
CA ALA B 32 -6.10 -7.93 -22.50
C ALA B 32 -5.99 -6.48 -22.90
N ALA B 33 -5.02 -5.76 -22.31
CA ALA B 33 -4.77 -4.39 -22.72
C ALA B 33 -3.26 -4.34 -23.06
N LEU B 34 -2.85 -3.30 -23.76
CA LEU B 34 -1.47 -3.23 -24.19
C LEU B 34 -0.92 -1.82 -24.13
N ALA B 35 0.34 -1.70 -23.75
CA ALA B 35 0.98 -0.40 -23.69
C ALA B 35 2.24 -0.44 -24.52
N ILE B 36 2.61 0.71 -25.08
CA ILE B 36 3.84 0.83 -25.86
C ILE B 36 4.55 2.01 -25.26
N ASN B 37 5.79 1.82 -24.82
CA ASN B 37 6.52 2.92 -24.21
C ASN B 37 5.75 3.60 -23.07
N GLN B 38 5.19 2.74 -22.21
CA GLN B 38 4.43 3.14 -21.03
C GLN B 38 3.14 3.93 -21.24
N GLN B 39 2.57 3.82 -22.43
CA GLN B 39 1.31 4.46 -22.71
C GLN B 39 0.38 3.45 -23.33
N ILE B 40 -0.84 3.39 -22.80
CA ILE B 40 -1.82 2.44 -23.29
C ILE B 40 -2.10 2.74 -24.75
N VAL B 41 -2.33 1.68 -25.53
CA VAL B 41 -2.73 1.82 -26.95
C VAL B 41 -4.13 1.21 -26.97
N PRO B 42 -5.18 2.05 -27.15
CA PRO B 42 -6.53 1.48 -27.15
C PRO B 42 -6.66 0.32 -28.14
N ARG B 43 -7.41 -0.69 -27.71
CA ARG B 43 -7.59 -1.90 -28.53
C ARG B 43 -8.06 -1.62 -29.97
N GLU B 44 -8.95 -0.65 -30.12
CA GLU B 44 -9.47 -0.28 -31.42
C GLU B 44 -8.36 0.25 -32.34
N GLN B 45 -7.18 0.51 -31.79
CA GLN B 45 -6.11 1.02 -32.64
C GLN B 45 -5.07 -0.04 -33.02
N TRP B 46 -5.24 -1.26 -32.52
CA TRP B 46 -4.28 -2.33 -32.77
C TRP B 46 -4.16 -2.76 -34.24
N ALA B 47 -5.29 -2.74 -34.95
CA ALA B 47 -5.29 -3.14 -36.37
C ALA B 47 -4.38 -2.22 -37.18
N GLN B 48 -4.41 -0.92 -36.89
CA GLN B 48 -3.61 0.05 -37.61
C GLN B 48 -2.24 0.49 -37.04
N HIS B 49 -2.06 0.42 -35.72
CA HIS B 49 -0.82 0.88 -35.08
C HIS B 49 0.39 0.05 -35.47
N ILE B 50 1.36 0.71 -36.09
CA ILE B 50 2.57 0.03 -36.53
C ILE B 50 3.62 -0.02 -35.43
N VAL B 51 4.14 -1.21 -35.13
CA VAL B 51 5.18 -1.33 -34.10
C VAL B 51 6.51 -0.74 -34.65
N GLN B 52 7.18 0.10 -33.86
CA GLN B 52 8.44 0.71 -34.29
C GLN B 52 9.60 0.05 -33.59
N ASP B 53 10.77 0.27 -34.17
CA ASP B 53 11.98 -0.29 -33.61
C ASP B 53 12.31 0.32 -32.25
N GLY B 54 12.63 -0.54 -31.29
CA GLY B 54 12.93 -0.05 -29.94
C GLY B 54 11.67 0.06 -29.08
N ASP B 55 10.49 -0.22 -29.65
CA ASP B 55 9.25 -0.13 -28.87
C ASP B 55 9.29 -1.04 -27.63
N GLN B 56 8.79 -0.55 -26.49
CA GLN B 56 8.76 -1.35 -25.26
C GLN B 56 7.28 -1.67 -25.04
N ILE B 57 6.93 -2.91 -25.31
CA ILE B 57 5.54 -3.34 -25.28
C ILE B 57 5.16 -4.15 -24.07
N LEU B 58 3.95 -3.91 -23.57
CA LEU B 58 3.41 -4.63 -22.43
C LEU B 58 2.05 -5.15 -22.81
N LEU B 59 1.80 -6.41 -22.49
CA LEU B 59 0.53 -7.09 -22.76
C LEU B 59 0.15 -7.69 -21.42
N PHE B 60 -0.99 -7.27 -20.86
CA PHE B 60 -1.46 -7.78 -19.55
C PHE B 60 -2.98 -7.96 -19.52
N GLN B 61 -3.47 -8.67 -18.51
CA GLN B 61 -4.87 -8.99 -18.37
C GLN B 61 -5.53 -8.12 -17.35
N VAL B 62 -6.82 -7.94 -17.56
CA VAL B 62 -7.62 -7.17 -16.65
C VAL B 62 -7.84 -7.98 -15.40
N ILE B 63 -7.86 -7.29 -14.27
CA ILE B 63 -8.16 -7.93 -13.00
C ILE B 63 -9.47 -7.21 -12.57
N ALA B 64 -10.50 -7.99 -12.29
CA ALA B 64 -11.81 -7.43 -11.88
C ALA B 64 -12.16 -7.73 -10.42
N GLY B 65 -11.42 -8.64 -9.79
CA GLY B 65 -11.66 -9.00 -8.40
C GLY B 65 -11.52 -7.86 -7.38
N GLY B 66 -12.12 -7.99 -6.20
CA GLY B 66 -12.00 -6.91 -5.24
C GLY B 66 -12.37 -7.21 -3.79
N MET C 1 -4.55 -28.63 9.97
CA MET C 1 -5.64 -27.70 10.38
C MET C 1 -6.99 -28.42 10.32
N ASN C 2 -8.01 -27.84 10.95
CA ASN C 2 -9.34 -28.41 10.97
C ASN C 2 -10.23 -27.81 9.90
N ASP C 3 -11.48 -28.25 9.88
CA ASP C 3 -12.45 -27.79 8.90
C ASP C 3 -12.79 -26.30 9.01
N ARG C 4 -12.81 -25.78 10.22
CA ARG C 4 -13.14 -24.37 10.39
C ARG C 4 -12.00 -23.57 9.79
N ASP C 5 -10.76 -23.98 10.04
CA ASP C 5 -9.60 -23.29 9.46
C ASP C 5 -9.64 -23.37 7.94
N PHE C 6 -10.01 -24.54 7.41
CA PHE C 6 -10.04 -24.68 5.96
C PHE C 6 -10.96 -23.63 5.29
N MET C 7 -12.14 -23.41 5.87
CA MET C 7 -13.09 -22.44 5.36
C MET C 7 -12.61 -21.00 5.53
N ARG C 8 -12.10 -20.74 6.72
CA ARG C 8 -11.63 -19.40 7.06
C ARG C 8 -10.51 -18.95 6.13
N TYR C 9 -9.54 -19.85 5.89
CA TYR C 9 -8.40 -19.49 5.02
C TYR C 9 -8.54 -19.89 3.57
N SER C 10 -9.74 -20.27 3.19
CA SER C 10 -9.98 -20.76 1.84
C SER C 10 -9.49 -19.90 0.69
N ARG C 11 -9.65 -18.57 0.76
CA ARG C 11 -9.28 -17.78 -0.38
C ARG C 11 -7.77 -17.64 -0.59
N GLN C 12 -7.02 -17.95 0.45
CA GLN C 12 -5.57 -17.92 0.45
C GLN C 12 -5.13 -19.36 0.02
N ILE C 13 -5.83 -20.37 0.53
CA ILE C 13 -5.49 -21.74 0.19
C ILE C 13 -5.66 -22.08 -1.27
N LEU C 14 -6.57 -21.39 -1.95
CA LEU C 14 -6.82 -21.57 -3.38
C LEU C 14 -5.58 -21.15 -4.18
N LEU C 15 -4.74 -20.31 -3.60
CA LEU C 15 -3.56 -19.88 -4.35
C LEU C 15 -2.53 -20.99 -4.31
N ASP C 16 -2.11 -21.49 -5.46
CA ASP C 16 -1.11 -22.58 -5.45
C ASP C 16 0.17 -22.21 -4.72
N ASP C 17 0.52 -20.93 -4.70
CA ASP C 17 1.72 -20.45 -3.98
C ASP C 17 1.63 -20.65 -2.46
N ILE C 18 0.42 -20.71 -1.93
CA ILE C 18 0.25 -20.88 -0.49
C ILE C 18 -0.31 -22.30 -0.27
N ALA C 19 -1.53 -22.50 -0.73
CA ALA C 19 -2.13 -23.83 -0.65
C ALA C 19 -2.21 -24.39 0.77
N LEU C 20 -2.43 -25.70 0.91
CA LEU C 20 -2.56 -26.30 2.23
C LEU C 20 -1.22 -26.29 2.98
N ASP C 21 -0.13 -26.56 2.28
CA ASP C 21 1.19 -26.54 2.93
C ASP C 21 1.59 -25.17 3.49
N GLY C 22 1.37 -24.13 2.67
CA GLY C 22 1.75 -22.78 3.08
C GLY C 22 0.88 -22.31 4.24
N GLN C 23 -0.38 -22.69 4.22
CA GLN C 23 -1.26 -22.25 5.31
C GLN C 23 -0.79 -22.89 6.62
N GLN C 24 -0.38 -24.16 6.54
CA GLN C 24 0.08 -24.82 7.76
C GLN C 24 1.32 -24.16 8.31
N LYS C 25 2.24 -23.76 7.43
CA LYS C 25 3.44 -23.07 7.88
C LYS C 25 3.01 -21.73 8.53
N LEU C 26 2.02 -21.01 7.95
CA LEU C 26 1.58 -19.74 8.63
C LEU C 26 1.04 -20.07 10.00
N LEU C 27 0.22 -21.12 10.03
CA LEU C 27 -0.40 -21.51 11.29
C LEU C 27 0.66 -21.95 12.35
N ASP C 28 1.81 -22.43 11.90
CA ASP C 28 2.86 -22.87 12.80
C ASP C 28 3.87 -21.75 13.09
N SER C 29 3.66 -20.56 12.54
CA SER C 29 4.65 -19.50 12.76
C SER C 29 4.33 -18.56 13.91
N GLN C 30 5.35 -17.77 14.23
CA GLN C 30 5.22 -16.77 15.27
C GLN C 30 5.75 -15.44 14.80
N VAL C 31 4.95 -14.38 14.94
CA VAL C 31 5.39 -13.05 14.49
C VAL C 31 5.33 -12.08 15.64
N LEU C 32 6.40 -11.31 15.78
CA LEU C 32 6.42 -10.28 16.81
C LEU C 32 6.22 -8.92 16.11
N ILE C 33 5.15 -8.21 16.53
CA ILE C 33 4.87 -6.87 15.99
C ILE C 33 5.22 -5.87 17.11
N ILE C 34 6.24 -5.06 16.87
CA ILE C 34 6.63 -4.07 17.89
C ILE C 34 6.10 -2.70 17.46
N GLY C 35 5.10 -2.19 18.20
CA GLY C 35 4.48 -0.92 17.85
C GLY C 35 3.07 -1.19 17.33
N LEU C 36 2.06 -0.70 18.04
CA LEU C 36 0.67 -0.92 17.63
C LEU C 36 0.02 0.40 17.22
N GLY C 37 0.68 1.07 16.28
CA GLY C 37 0.23 2.37 15.79
C GLY C 37 -0.27 2.34 14.37
N GLY C 38 0.07 3.36 13.58
CA GLY C 38 -0.40 3.39 12.21
C GLY C 38 0.14 2.22 11.38
N LEU C 39 1.36 1.78 11.69
CA LEU C 39 1.94 0.68 10.90
C LEU C 39 1.46 -0.65 11.46
N GLY C 40 1.53 -0.72 12.79
CA GLY C 40 1.23 -1.96 13.44
C GLY C 40 -0.21 -2.41 13.44
N THR C 41 -1.16 -1.49 13.53
CA THR C 41 -2.54 -1.98 13.58
C THR C 41 -2.97 -2.67 12.26
N PRO C 42 -2.70 -2.09 11.06
CA PRO C 42 -3.14 -2.88 9.89
C PRO C 42 -2.30 -4.14 9.73
N ALA C 43 -1.00 -4.08 10.04
CA ALA C 43 -0.22 -5.31 9.90
C ALA C 43 -0.79 -6.43 10.79
N ALA C 44 -1.14 -6.09 12.01
CA ALA C 44 -1.68 -7.13 12.90
C ALA C 44 -3.05 -7.68 12.37
N LEU C 45 -3.91 -6.78 11.88
CA LEU C 45 -5.24 -7.19 11.37
C LEU C 45 -5.04 -8.17 10.23
N TYR C 46 -4.18 -7.85 9.28
CA TYR C 46 -3.97 -8.74 8.13
C TYR C 46 -3.29 -10.03 8.48
N LEU C 47 -2.33 -9.96 9.40
CA LEU C 47 -1.60 -11.17 9.83
C LEU C 47 -2.59 -12.07 10.59
N ALA C 48 -3.44 -11.47 11.43
CA ALA C 48 -4.47 -12.29 12.11
C ALA C 48 -5.42 -12.93 11.08
N GLY C 49 -5.85 -12.13 10.11
CA GLY C 49 -6.77 -12.66 9.13
C GLY C 49 -6.12 -13.75 8.33
N ALA C 50 -4.80 -13.65 8.10
CA ALA C 50 -4.04 -14.63 7.32
C ALA C 50 -3.79 -15.99 8.03
N GLY C 51 -4.01 -16.04 9.33
CA GLY C 51 -3.77 -17.28 10.05
C GLY C 51 -2.35 -17.48 10.58
N VAL C 52 -1.61 -16.40 10.82
CA VAL C 52 -0.31 -16.57 11.45
C VAL C 52 -0.70 -17.12 12.82
N GLY C 53 -0.17 -18.29 13.15
CA GLY C 53 -0.49 -19.00 14.40
C GLY C 53 -0.33 -18.32 15.73
N THR C 54 0.74 -17.55 15.86
CA THR C 54 0.98 -16.77 17.08
C THR C 54 1.43 -15.35 16.74
N LEU C 55 0.72 -14.39 17.30
CA LEU C 55 1.10 -12.99 17.12
C LEU C 55 1.39 -12.43 18.49
N VAL C 56 2.57 -11.81 18.61
CA VAL C 56 2.92 -11.17 19.86
C VAL C 56 2.83 -9.67 19.56
N LEU C 57 2.05 -8.94 20.38
CA LEU C 57 1.74 -7.54 20.13
C LEU C 57 2.30 -6.74 21.26
N ALA C 58 3.31 -5.94 20.98
CA ALA C 58 3.96 -5.15 22.03
C ALA C 58 3.77 -3.66 21.80
N ASP C 59 3.32 -2.94 22.83
CA ASP C 59 3.19 -1.47 22.71
C ASP C 59 3.06 -0.94 24.14
N ASP C 60 3.60 0.23 24.41
CA ASP C 60 3.49 0.77 25.75
C ASP C 60 2.48 1.92 25.87
N ASP C 61 1.67 2.21 24.84
CA ASP C 61 0.73 3.34 24.90
C ASP C 61 -0.71 2.95 25.24
N ASP C 62 -1.54 3.95 25.52
CA ASP C 62 -2.98 3.79 25.77
C ASP C 62 -3.65 4.45 24.55
N VAL C 63 -4.86 4.05 24.20
CA VAL C 63 -5.51 4.67 23.06
C VAL C 63 -5.87 6.13 23.34
N HIS C 64 -5.64 7.01 22.36
CA HIS C 64 -5.97 8.44 22.51
C HIS C 64 -6.87 8.76 21.35
N LEU C 65 -7.71 9.80 21.49
CA LEU C 65 -8.65 10.13 20.43
C LEU C 65 -7.94 10.44 19.10
N SER C 66 -6.82 11.16 19.18
CA SER C 66 -6.09 11.51 17.95
C SER C 66 -5.46 10.31 17.21
N ASN C 67 -5.43 9.16 17.84
CA ASN C 67 -4.95 7.92 17.22
C ASN C 67 -5.88 7.37 16.13
N LEU C 68 -7.18 7.57 16.33
CA LEU C 68 -8.17 6.98 15.49
C LEU C 68 -8.08 7.33 14.02
N GLN C 69 -7.50 8.49 13.70
CA GLN C 69 -7.39 8.87 12.30
C GLN C 69 -6.53 7.87 11.52
N ARG C 70 -5.72 7.06 12.20
CA ARG C 70 -4.87 6.11 11.42
C ARG C 70 -4.72 4.75 12.04
N GLN C 71 -5.11 4.59 13.29
CA GLN C 71 -4.95 3.29 13.96
C GLN C 71 -6.31 2.62 13.98
N ILE C 72 -6.61 1.99 12.84
CA ILE C 72 -7.87 1.35 12.46
C ILE C 72 -8.41 0.17 13.23
N LEU C 73 -7.62 -0.32 14.15
CA LEU C 73 -8.04 -1.44 14.98
C LEU C 73 -8.83 -0.95 16.19
N PHE C 74 -8.65 0.33 16.56
CA PHE C 74 -9.27 0.91 17.76
C PHE C 74 -10.57 1.69 17.54
N THR C 75 -11.33 1.96 18.60
CA THR C 75 -12.55 2.74 18.42
C THR C 75 -12.66 3.76 19.54
N THR C 76 -13.67 4.60 19.44
CA THR C 76 -13.87 5.62 20.46
C THR C 76 -14.07 4.97 21.82
N GLU C 77 -14.65 3.78 21.86
CA GLU C 77 -14.89 3.08 23.12
C GLU C 77 -13.58 2.60 23.76
N ASP C 78 -12.49 2.57 23.01
CA ASP C 78 -11.26 2.10 23.60
C ASP C 78 -10.40 3.20 24.16
N ILE C 79 -10.81 4.47 24.03
CA ILE C 79 -9.95 5.54 24.51
C ILE C 79 -9.55 5.36 25.99
N ASP C 80 -8.26 5.58 26.27
CA ASP C 80 -7.67 5.45 27.60
C ASP C 80 -7.32 4.03 28.01
N ARG C 81 -7.63 3.04 27.18
CA ARG C 81 -7.28 1.67 27.53
C ARG C 81 -5.91 1.27 26.91
N PRO C 82 -5.19 0.31 27.52
CA PRO C 82 -3.85 -0.14 27.02
C PRO C 82 -3.92 -0.69 25.60
N LYS C 83 -3.05 -0.21 24.69
CA LYS C 83 -3.09 -0.65 23.30
C LYS C 83 -2.91 -2.13 23.05
N SER C 84 -1.97 -2.77 23.74
CA SER C 84 -1.76 -4.20 23.48
C SER C 84 -2.96 -5.04 23.95
N GLN C 85 -3.61 -4.62 25.04
CA GLN C 85 -4.77 -5.36 25.55
C GLN C 85 -5.96 -5.22 24.61
N VAL C 86 -6.24 -3.97 24.20
CA VAL C 86 -7.33 -3.68 23.28
C VAL C 86 -7.11 -4.43 21.96
N SER C 87 -5.87 -4.39 21.45
CA SER C 87 -5.51 -5.07 20.19
C SER C 87 -5.75 -6.58 20.31
N GLN C 88 -5.29 -7.18 21.41
CA GLN C 88 -5.49 -8.62 21.64
C GLN C 88 -7.00 -8.90 21.66
N GLN C 89 -7.79 -8.05 22.32
CA GLN C 89 -9.24 -8.31 22.39
C GLN C 89 -9.94 -8.15 21.04
N ARG C 90 -9.61 -7.08 20.32
CA ARG C 90 -10.22 -6.88 19.03
C ARG C 90 -9.83 -7.96 18.01
N LEU C 91 -8.56 -8.34 18.02
CA LEU C 91 -8.08 -9.34 17.08
C LEU C 91 -8.67 -10.72 17.39
N THR C 92 -8.90 -11.06 18.66
CA THR C 92 -9.50 -12.36 18.86
C THR C 92 -10.94 -12.37 18.33
N GLN C 93 -11.57 -11.20 18.23
CA GLN C 93 -12.93 -11.11 17.69
C GLN C 93 -12.88 -11.46 16.20
N LEU C 94 -11.81 -11.00 15.55
CA LEU C 94 -11.64 -11.28 14.13
C LEU C 94 -11.31 -12.77 13.94
N ASN C 95 -10.38 -13.25 14.75
CA ASN C 95 -9.92 -14.61 14.65
C ASN C 95 -9.58 -15.21 16.04
N PRO C 96 -10.57 -15.88 16.66
CA PRO C 96 -10.41 -16.52 17.97
C PRO C 96 -9.66 -17.82 17.95
N ASP C 97 -9.17 -18.23 16.79
CA ASP C 97 -8.49 -19.51 16.66
C ASP C 97 -6.97 -19.44 16.64
N ILE C 98 -6.41 -18.27 16.79
CA ILE C 98 -4.95 -18.22 16.82
C ILE C 98 -4.52 -17.73 18.20
N GLN C 99 -3.22 -17.87 18.51
CA GLN C 99 -2.67 -17.41 19.79
C GLN C 99 -2.32 -15.91 19.77
N LEU C 100 -2.98 -15.12 20.60
CA LEU C 100 -2.68 -13.68 20.60
C LEU C 100 -2.08 -13.24 21.92
N THR C 101 -0.81 -12.85 21.92
CA THR C 101 -0.13 -12.47 23.14
C THR C 101 0.13 -10.96 23.26
N ALA C 102 -0.32 -10.39 24.37
CA ALA C 102 -0.18 -8.95 24.65
C ALA C 102 0.96 -8.62 25.53
N LEU C 103 1.84 -7.72 25.10
CA LEU C 103 2.97 -7.25 25.95
C LEU C 103 2.83 -5.73 26.06
N GLN C 104 2.32 -5.25 27.18
CA GLN C 104 2.15 -3.81 27.34
C GLN C 104 3.49 -3.28 27.89
N GLN C 105 4.45 -3.11 27.00
CA GLN C 105 5.72 -2.62 27.48
C GLN C 105 6.54 -2.08 26.31
N ARG C 106 7.60 -1.35 26.65
CA ARG C 106 8.54 -0.78 25.67
C ARG C 106 9.61 -1.84 25.74
N LEU C 107 9.61 -2.71 24.75
CA LEU C 107 10.53 -3.84 24.73
C LEU C 107 11.93 -3.38 24.60
N THR C 108 12.75 -3.77 25.55
CA THR C 108 14.15 -3.42 25.49
C THR C 108 14.97 -4.46 26.27
N GLY C 109 16.27 -4.43 26.03
CA GLY C 109 17.16 -5.34 26.73
C GLY C 109 16.77 -6.80 26.67
N GLU C 110 16.78 -7.43 27.85
CA GLU C 110 16.46 -8.85 27.95
C GLU C 110 15.06 -9.24 27.46
N ALA C 111 14.05 -8.45 27.77
CA ALA C 111 12.69 -8.77 27.34
C ALA C 111 12.62 -8.68 25.78
N LEU C 112 13.32 -7.72 25.20
CA LEU C 112 13.29 -7.60 23.74
C LEU C 112 13.98 -8.84 23.12
N LYS C 113 15.16 -9.16 23.63
CA LYS C 113 15.90 -10.30 23.14
C LYS C 113 15.09 -11.60 23.22
N ASP C 114 14.35 -11.79 24.30
CA ASP C 114 13.61 -13.01 24.42
C ASP C 114 12.45 -13.05 23.44
N ALA C 115 11.79 -11.91 23.21
CA ALA C 115 10.68 -11.90 22.24
C ALA C 115 11.23 -12.08 20.80
N VAL C 116 12.36 -11.46 20.52
CA VAL C 116 12.92 -11.63 19.19
C VAL C 116 13.32 -13.08 18.98
N ALA C 117 13.91 -13.70 20.00
CA ALA C 117 14.36 -15.10 19.81
C ALA C 117 13.20 -16.04 19.51
N ARG C 118 12.08 -15.86 20.22
CA ARG C 118 10.90 -16.69 20.01
C ARG C 118 10.18 -16.46 18.68
N ALA C 119 10.27 -15.26 18.12
CA ALA C 119 9.57 -14.96 16.85
C ALA C 119 10.30 -15.53 15.62
N ASP C 120 9.52 -15.93 14.60
CA ASP C 120 10.14 -16.37 13.33
C ASP C 120 10.47 -15.13 12.51
N VAL C 121 9.75 -14.06 12.75
CA VAL C 121 10.04 -12.80 12.02
C VAL C 121 9.55 -11.65 12.87
N VAL C 122 10.26 -10.53 12.77
CA VAL C 122 9.88 -9.37 13.59
C VAL C 122 9.40 -8.22 12.68
N LEU C 123 8.30 -7.57 13.07
CA LEU C 123 7.87 -6.37 12.33
C LEU C 123 8.17 -5.18 13.20
N ASP C 124 9.05 -4.32 12.71
CA ASP C 124 9.40 -3.08 13.43
C ASP C 124 8.39 -1.99 12.97
N CYS C 125 7.47 -1.66 13.86
CA CYS C 125 6.45 -0.68 13.58
C CYS C 125 6.53 0.43 14.63
N THR C 126 7.76 0.75 15.05
CA THR C 126 7.95 1.75 16.10
C THR C 126 8.12 3.16 15.55
N ASP C 127 8.43 4.12 16.40
CA ASP C 127 8.45 5.50 15.90
C ASP C 127 9.67 6.31 16.29
N ASN C 128 10.78 5.67 16.63
CA ASN C 128 11.97 6.48 16.92
C ASN C 128 13.23 5.66 16.60
N MET C 129 14.29 6.35 16.21
CA MET C 129 15.55 5.75 15.82
C MET C 129 16.17 4.83 16.86
N ALA C 130 16.22 5.29 18.11
CA ALA C 130 16.87 4.50 19.16
C ALA C 130 16.27 3.11 19.32
N THR C 131 14.94 3.02 19.41
CA THR C 131 14.29 1.74 19.50
C THR C 131 14.53 0.90 18.21
N ARG C 132 14.43 1.54 17.05
CA ARG C 132 14.65 0.82 15.82
C ARG C 132 16.08 0.27 15.80
N GLN C 133 17.06 1.05 16.25
CA GLN C 133 18.42 0.48 16.24
C GLN C 133 18.52 -0.72 17.20
N GLU C 134 17.83 -0.64 18.35
CA GLU C 134 17.91 -1.72 19.33
C GLU C 134 17.29 -3.01 18.76
N ILE C 135 16.16 -2.89 18.04
CA ILE C 135 15.50 -4.03 17.45
C ILE C 135 16.38 -4.68 16.36
N ASN C 136 16.98 -3.85 15.53
CA ASN C 136 17.83 -4.32 14.47
C ASN C 136 19.03 -5.08 15.07
N ALA C 137 19.61 -4.54 16.13
CA ALA C 137 20.78 -5.19 16.78
C ALA C 137 20.37 -6.57 17.32
N ALA C 138 19.18 -6.65 17.92
CA ALA C 138 18.70 -7.92 18.45
C ALA C 138 18.41 -8.92 17.33
N CYS C 139 17.77 -8.46 16.25
CA CYS C 139 17.46 -9.37 15.16
C CYS C 139 18.74 -9.94 14.53
N VAL C 140 19.74 -9.09 14.30
CA VAL C 140 20.96 -9.62 13.68
C VAL C 140 21.66 -10.63 14.62
N ALA C 141 21.73 -10.30 15.92
CA ALA C 141 22.41 -11.19 16.89
C ALA C 141 21.67 -12.50 17.05
N LEU C 142 20.35 -12.48 16.85
CA LEU C 142 19.57 -13.70 17.02
C LEU C 142 19.18 -14.26 15.69
N ASN C 143 19.79 -13.75 14.62
CA ASN C 143 19.50 -14.32 13.29
C ASN C 143 18.00 -14.43 12.93
N THR C 144 17.23 -13.37 13.22
CA THR C 144 15.77 -13.40 12.97
C THR C 144 15.47 -12.31 11.93
N PRO C 145 14.75 -12.67 10.85
CA PRO C 145 14.39 -11.72 9.79
C PRO C 145 13.67 -10.52 10.39
N LEU C 146 13.92 -9.36 9.82
CA LEU C 146 13.32 -8.12 10.30
C LEU C 146 12.64 -7.36 9.12
N ILE C 147 11.37 -7.03 9.29
CA ILE C 147 10.66 -6.27 8.25
C ILE C 147 10.38 -4.94 8.88
N THR C 148 10.96 -3.89 8.32
CA THR C 148 10.80 -2.60 8.94
C THR C 148 10.21 -1.58 8.02
N ALA C 149 9.41 -0.68 8.58
CA ALA C 149 8.80 0.38 7.74
C ALA C 149 8.59 1.64 8.56
N SER C 150 8.39 2.77 7.87
CA SER C 150 8.16 4.03 8.54
C SER C 150 7.32 4.89 7.59
N ALA C 151 6.74 5.95 8.14
CA ALA C 151 5.97 6.87 7.30
C ALA C 151 5.81 8.18 8.03
N VAL C 152 5.74 9.29 7.29
CA VAL C 152 5.53 10.61 7.89
C VAL C 152 5.01 11.44 6.74
N GLY C 153 4.06 12.35 7.00
CA GLY C 153 3.57 13.18 5.91
C GLY C 153 2.97 12.30 4.83
N PHE C 154 3.42 12.47 3.59
CA PHE C 154 2.94 11.61 2.52
C PHE C 154 3.99 10.55 2.13
N GLY C 155 5.06 10.43 2.92
CA GLY C 155 6.09 9.47 2.53
C GLY C 155 6.23 8.23 3.36
N GLY C 156 6.76 7.16 2.74
CA GLY C 156 6.94 5.88 3.43
C GLY C 156 8.25 5.21 3.00
N GLN C 157 8.83 4.38 3.88
CA GLN C 157 10.06 3.63 3.63
C GLN C 157 9.84 2.23 4.13
N LEU C 158 10.31 1.23 3.38
CA LEU C 158 10.15 -0.16 3.80
C LEU C 158 11.40 -1.01 3.36
N MET C 159 11.84 -1.95 4.20
CA MET C 159 12.93 -2.86 3.83
C MET C 159 12.72 -4.18 4.51
N VAL C 160 13.07 -5.26 3.81
CA VAL C 160 13.03 -6.63 4.38
C VAL C 160 14.50 -7.06 4.58
N LEU C 161 14.90 -7.29 5.82
CA LEU C 161 16.31 -7.65 6.10
C LEU C 161 16.34 -9.05 6.65
N THR C 162 17.03 -9.93 5.94
CA THR C 162 17.06 -11.33 6.39
C THR C 162 18.49 -11.87 6.50
N PRO C 163 18.72 -12.85 7.39
CA PRO C 163 20.05 -13.49 7.58
C PRO C 163 20.28 -14.15 6.20
N PRO C 164 21.54 -14.34 5.75
CA PRO C 164 22.80 -14.01 6.39
C PRO C 164 23.18 -12.57 6.23
N TRP C 165 22.17 -11.71 6.00
CA TRP C 165 22.44 -10.27 5.93
C TRP C 165 23.38 -9.84 4.81
N GLU C 166 23.22 -10.47 3.65
CA GLU C 166 24.03 -10.18 2.48
C GLU C 166 24.03 -8.68 2.09
N GLN C 167 22.91 -8.00 2.32
CA GLN C 167 22.84 -6.58 1.99
C GLN C 167 22.94 -5.68 3.18
N GLY C 168 23.44 -6.22 4.30
CA GLY C 168 23.60 -5.43 5.49
C GLY C 168 22.35 -5.41 6.38
N CYS C 169 22.31 -4.44 7.27
CA CYS C 169 21.21 -4.39 8.23
C CYS C 169 20.72 -2.94 8.32
N TYR C 170 19.88 -2.64 9.30
CA TYR C 170 19.31 -1.28 9.37
C TYR C 170 20.42 -0.26 9.68
N ARG C 171 21.36 -0.70 10.50
CA ARG C 171 22.49 0.14 10.90
C ARG C 171 23.48 0.36 9.74
N CYS C 172 23.50 -0.49 8.72
CA CYS C 172 24.41 -0.21 7.57
C CYS C 172 23.92 1.01 6.79
N LEU C 173 22.60 1.17 6.77
CA LEU C 173 21.97 2.27 6.04
C LEU C 173 21.91 3.56 6.85
N TRP C 174 21.50 3.43 8.11
CA TRP C 174 21.33 4.54 9.04
C TRP C 174 22.29 4.40 10.22
N PRO C 175 23.37 5.18 10.20
CA PRO C 175 24.30 5.08 11.33
C PRO C 175 23.73 5.89 12.50
N ASP C 176 22.79 6.79 12.22
CA ASP C 176 22.22 7.68 13.26
C ASP C 176 21.41 7.01 14.35
N ASN C 177 21.53 7.53 15.57
CA ASN C 177 20.77 7.00 16.70
C ASN C 177 19.60 7.94 17.07
N GLN C 178 19.47 9.05 16.34
CA GLN C 178 18.41 10.05 16.58
C GLN C 178 18.17 10.78 15.26
N GLU C 179 16.98 11.34 15.04
CA GLU C 179 16.77 12.09 13.79
C GLU C 179 17.57 13.39 13.90
N PRO C 180 17.84 14.06 12.77
CA PRO C 180 18.64 15.29 12.89
C PRO C 180 17.95 16.63 13.22
N THR C 186 6.32 15.35 17.11
CA THR C 186 5.83 14.24 16.29
C THR C 186 4.94 14.93 15.22
N ALA C 187 5.35 14.79 13.96
CA ALA C 187 4.70 15.47 12.84
C ALA C 187 3.40 14.87 12.29
N GLY C 188 2.85 15.50 11.27
CA GLY C 188 1.63 14.97 10.68
C GLY C 188 1.87 13.79 9.74
N VAL C 189 0.79 13.09 9.48
CA VAL C 189 0.81 11.95 8.61
C VAL C 189 -0.60 11.62 8.13
N VAL C 190 -0.64 11.20 6.89
CA VAL C 190 -1.88 10.80 6.21
C VAL C 190 -2.15 9.34 6.57
N GLY C 191 -3.37 9.08 7.03
CA GLY C 191 -3.76 7.78 7.46
C GLY C 191 -3.41 6.64 6.53
N PRO C 192 -3.91 6.70 5.30
CA PRO C 192 -3.65 5.65 4.33
C PRO C 192 -2.19 5.54 3.91
N VAL C 193 -1.38 6.55 4.11
CA VAL C 193 0.03 6.35 3.74
C VAL C 193 0.72 5.44 4.77
N VAL C 194 0.56 5.71 6.05
CA VAL C 194 1.19 4.86 7.05
C VAL C 194 0.48 3.48 6.97
N GLY C 195 -0.80 3.50 6.65
CA GLY C 195 -1.55 2.24 6.52
C GLY C 195 -1.00 1.37 5.38
N VAL C 196 -0.69 1.96 4.22
CA VAL C 196 -0.20 1.13 3.17
C VAL C 196 1.16 0.50 3.54
N MET C 197 2.00 1.24 4.26
CA MET C 197 3.32 0.69 4.65
C MET C 197 3.14 -0.46 5.62
N GLY C 198 2.22 -0.32 6.58
CA GLY C 198 2.06 -1.44 7.49
C GLY C 198 1.43 -2.64 6.81
N THR C 199 0.49 -2.40 5.91
CA THR C 199 -0.14 -3.52 5.19
C THR C 199 0.95 -4.23 4.35
N LEU C 200 1.85 -3.45 3.75
CA LEU C 200 2.95 -4.05 2.96
C LEU C 200 3.88 -4.88 3.87
N GLN C 201 4.11 -4.44 5.10
CA GLN C 201 4.87 -5.23 6.06
C GLN C 201 4.17 -6.59 6.25
N ALA C 202 2.84 -6.62 6.42
CA ALA C 202 2.14 -7.92 6.55
C ALA C 202 2.38 -8.82 5.31
N LEU C 203 2.25 -8.22 4.13
CA LEU C 203 2.46 -8.92 2.89
C LEU C 203 3.88 -9.59 2.90
N GLU C 204 4.90 -8.83 3.25
CA GLU C 204 6.28 -9.38 3.25
C GLU C 204 6.37 -10.54 4.26
N ALA C 205 5.66 -10.42 5.36
CA ALA C 205 5.68 -11.46 6.39
C ALA C 205 5.07 -12.76 5.92
N ILE C 206 3.98 -12.64 5.21
CA ILE C 206 3.29 -13.82 4.71
C ILE C 206 4.14 -14.51 3.68
N LYS C 207 4.79 -13.74 2.82
CA LYS C 207 5.67 -14.34 1.81
C LYS C 207 6.86 -15.04 2.47
N LEU C 208 7.45 -14.38 3.47
CA LEU C 208 8.59 -14.98 4.13
C LEU C 208 8.20 -16.24 4.88
N LEU C 209 7.09 -16.20 5.62
CA LEU C 209 6.67 -17.36 6.38
C LEU C 209 6.14 -18.50 5.51
N SER C 210 5.57 -18.19 4.35
CA SER C 210 5.03 -19.32 3.59
C SER C 210 6.08 -19.83 2.59
N GLY C 211 7.22 -19.17 2.51
CA GLY C 211 8.25 -19.64 1.61
C GLY C 211 8.11 -19.20 0.17
N ILE C 212 7.53 -18.03 -0.08
CA ILE C 212 7.35 -17.53 -1.43
C ILE C 212 8.59 -16.75 -1.82
N GLU C 213 9.20 -17.13 -2.93
CA GLU C 213 10.39 -16.45 -3.40
C GLU C 213 10.07 -15.00 -3.74
N THR C 214 10.77 -14.10 -3.08
CA THR C 214 10.50 -12.69 -3.31
C THR C 214 11.75 -11.92 -2.95
N PRO C 215 11.90 -10.68 -3.46
CA PRO C 215 13.14 -9.97 -3.10
C PRO C 215 13.25 -9.50 -1.63
N ALA C 216 14.48 -9.30 -1.18
CA ALA C 216 14.75 -8.79 0.15
C ALA C 216 16.03 -7.94 -0.02
N GLY C 217 16.36 -7.10 0.97
CA GLY C 217 17.58 -6.29 0.85
C GLY C 217 17.45 -5.18 -0.17
N GLU C 218 16.24 -4.63 -0.20
CA GLU C 218 15.85 -3.59 -1.11
C GLU C 218 15.15 -2.50 -0.29
N LEU C 219 15.51 -1.23 -0.44
CA LEU C 219 14.82 -0.18 0.28
C LEU C 219 13.71 0.33 -0.69
N ARG C 220 12.45 0.27 -0.25
CA ARG C 220 11.32 0.71 -1.08
C ARG C 220 10.82 2.06 -0.52
N LEU C 221 10.77 3.07 -1.37
CA LEU C 221 10.38 4.41 -0.93
C LEU C 221 9.08 4.81 -1.65
N PHE C 222 8.16 5.34 -0.89
CA PHE C 222 6.87 5.72 -1.46
C PHE C 222 6.63 7.23 -1.29
N ASP C 223 6.25 7.92 -2.37
CA ASP C 223 5.86 9.34 -2.26
C ASP C 223 4.30 9.28 -2.56
N GLY C 224 3.48 9.42 -1.52
CA GLY C 224 2.03 9.34 -1.66
C GLY C 224 1.41 10.51 -2.39
N LYS C 225 2.18 11.58 -2.58
CA LYS C 225 1.69 12.77 -3.28
C LYS C 225 1.91 12.65 -4.77
N SER C 226 3.12 12.22 -5.17
CA SER C 226 3.39 12.02 -6.59
C SER C 226 2.88 10.61 -7.00
N SER C 227 2.56 9.77 -6.00
CA SER C 227 2.06 8.40 -6.26
C SER C 227 3.09 7.51 -6.93
N GLN C 228 4.34 7.73 -6.57
CA GLN C 228 5.46 6.97 -7.16
C GLN C 228 6.24 6.14 -6.14
N TRP C 229 6.79 5.00 -6.56
CA TRP C 229 7.59 4.13 -5.72
C TRP C 229 8.99 4.03 -6.37
N ARG C 230 10.03 3.85 -5.58
CA ARG C 230 11.35 3.55 -6.18
C ARG C 230 11.95 2.49 -5.28
N SER C 231 12.78 1.63 -5.85
CA SER C 231 13.43 0.53 -5.13
C SER C 231 14.91 0.74 -5.24
N LEU C 232 15.59 0.73 -4.10
CA LEU C 232 17.06 0.94 -4.08
C LEU C 232 17.71 -0.31 -3.49
N ALA C 233 18.81 -0.76 -4.09
CA ALA C 233 19.49 -1.95 -3.58
C ALA C 233 20.27 -1.52 -2.37
N LEU C 234 20.08 -2.21 -1.24
CA LEU C 234 20.80 -1.90 -0.02
C LEU C 234 22.26 -2.39 -0.19
N ARG C 235 23.16 -1.96 0.68
CA ARG C 235 24.57 -2.43 0.58
C ARG C 235 25.17 -2.47 1.97
N ARG C 236 25.76 -3.58 2.36
CA ARG C 236 26.33 -3.61 3.69
C ARG C 236 27.51 -2.67 3.83
N ALA C 237 27.67 -2.18 5.06
CA ALA C 237 28.77 -1.28 5.36
C ALA C 237 29.86 -2.13 6.02
N SER C 238 31.07 -2.06 5.47
CA SER C 238 32.20 -2.82 6.00
C SER C 238 32.41 -2.62 7.48
N GLY C 239 32.32 -1.39 7.94
CA GLY C 239 32.53 -1.17 9.35
C GLY C 239 31.24 -1.24 10.19
N CYS C 240 30.16 -1.84 9.68
CA CYS C 240 28.94 -1.90 10.51
C CYS C 240 29.19 -2.59 11.86
N PRO C 241 28.93 -1.90 12.98
CA PRO C 241 29.15 -2.51 14.30
C PRO C 241 28.15 -3.62 14.68
N VAL C 242 27.10 -3.79 13.90
CA VAL C 242 26.10 -4.80 14.19
C VAL C 242 26.28 -6.07 13.35
N CYS C 243 26.36 -5.94 12.03
CA CYS C 243 26.45 -7.15 11.22
C CYS C 243 27.87 -7.26 10.64
N GLY C 244 28.73 -6.32 11.03
CA GLY C 244 30.10 -6.27 10.55
C GLY C 244 30.85 -7.55 10.85
N GLY C 245 30.32 -8.37 11.75
CA GLY C 245 30.97 -9.62 12.09
C GLY C 245 32.26 -9.47 12.91
N MET D 1 30.94 15.71 -14.86
CA MET D 1 30.38 16.40 -16.06
C MET D 1 28.91 16.77 -15.78
N GLN D 2 27.99 15.95 -16.27
CA GLN D 2 26.58 16.20 -16.02
C GLN D 2 26.06 15.03 -15.22
N ILE D 3 25.20 15.30 -14.24
CA ILE D 3 24.61 14.24 -13.45
C ILE D 3 23.12 14.56 -13.23
N LEU D 4 22.42 13.61 -12.63
CA LEU D 4 21.05 13.78 -12.26
C LEU D 4 21.13 13.79 -10.71
N PHE D 5 20.55 14.79 -10.06
CA PHE D 5 20.58 14.84 -8.61
C PHE D 5 19.14 14.97 -8.12
N ASN D 6 18.64 13.91 -7.53
CA ASN D 6 17.27 13.91 -7.09
C ASN D 6 16.37 14.20 -8.28
N ASP D 7 16.57 13.42 -9.34
CA ASP D 7 15.84 13.47 -10.59
C ASP D 7 15.99 14.75 -11.43
N GLN D 8 16.75 15.72 -10.93
CA GLN D 8 16.96 16.98 -11.65
C GLN D 8 18.39 17.07 -12.23
N ALA D 9 18.49 17.57 -13.46
CA ALA D 9 19.80 17.68 -14.09
C ALA D 9 20.63 18.74 -13.40
N MET D 10 21.92 18.49 -13.26
CA MET D 10 22.84 19.47 -12.66
C MET D 10 24.27 19.26 -13.15
N GLN D 11 25.05 20.33 -13.15
CA GLN D 11 26.44 20.24 -13.59
C GLN D 11 27.28 20.31 -12.33
N CYS D 12 28.40 19.62 -12.34
CA CYS D 12 29.33 19.67 -11.22
C CYS D 12 30.71 19.25 -11.76
N ALA D 13 31.77 19.58 -11.04
CA ALA D 13 33.12 19.25 -11.46
C ALA D 13 33.37 17.74 -11.54
N ALA D 14 34.34 17.35 -12.37
CA ALA D 14 34.71 15.96 -12.48
C ALA D 14 35.73 15.76 -11.34
N GLY D 15 36.00 14.50 -11.00
CA GLY D 15 36.94 14.20 -9.93
C GLY D 15 36.52 14.50 -8.48
N GLN D 16 35.23 14.76 -8.22
CA GLN D 16 34.76 15.09 -6.85
C GLN D 16 34.25 13.88 -6.08
N THR D 17 34.40 13.89 -4.76
CA THR D 17 33.88 12.75 -4.00
C THR D 17 32.44 13.11 -3.61
N VAL D 18 31.69 12.13 -3.14
CA VAL D 18 30.32 12.43 -2.70
C VAL D 18 30.37 13.48 -1.62
N HIS D 19 31.33 13.36 -0.69
CA HIS D 19 31.43 14.34 0.40
C HIS D 19 31.64 15.73 -0.19
N GLU D 20 32.58 15.88 -1.13
CA GLU D 20 32.82 17.23 -1.66
C GLU D 20 31.58 17.78 -2.38
N LEU D 21 30.90 16.92 -3.13
CA LEU D 21 29.69 17.37 -3.81
C LEU D 21 28.62 17.80 -2.78
N LEU D 22 28.40 17.02 -1.73
CA LEU D 22 27.37 17.39 -0.75
C LEU D 22 27.75 18.73 -0.09
N GLU D 23 29.04 18.92 0.11
CA GLU D 23 29.56 20.15 0.71
C GLU D 23 29.27 21.34 -0.22
N GLN D 24 29.53 21.14 -1.51
CA GLN D 24 29.26 22.18 -2.51
C GLN D 24 27.75 22.58 -2.48
N LEU D 25 26.87 21.59 -2.39
CA LEU D 25 25.39 21.80 -2.38
C LEU D 25 24.85 22.18 -1.02
N ASP D 26 25.75 22.33 -0.06
CA ASP D 26 25.36 22.71 1.30
C ASP D 26 24.38 21.71 1.93
N GLN D 27 24.56 20.42 1.67
CA GLN D 27 23.65 19.41 2.23
C GLN D 27 24.20 18.80 3.51
N ARG D 28 23.31 18.60 4.48
CA ARG D 28 23.68 17.99 5.76
C ARG D 28 23.77 16.46 5.58
N GLN D 29 24.77 15.84 6.19
CA GLN D 29 24.95 14.40 6.04
C GLN D 29 24.25 13.53 7.11
N ALA D 30 24.11 14.09 8.30
CA ALA D 30 23.46 13.43 9.42
C ALA D 30 21.99 13.13 9.03
N GLY D 31 21.53 11.92 9.27
CA GLY D 31 20.17 11.58 8.93
C GLY D 31 19.91 11.39 7.44
N ALA D 32 20.97 11.39 6.60
CA ALA D 32 20.77 11.23 5.15
C ALA D 32 21.34 9.95 4.60
N ALA D 33 20.79 9.45 3.51
CA ALA D 33 21.38 8.27 2.89
C ALA D 33 21.45 8.67 1.43
N LEU D 34 22.31 8.01 0.69
CA LEU D 34 22.53 8.37 -0.70
C LEU D 34 22.55 7.11 -1.61
N ALA D 35 21.95 7.22 -2.78
CA ALA D 35 21.99 6.14 -3.74
C ALA D 35 22.61 6.68 -5.03
N ILE D 36 23.37 5.83 -5.71
CA ILE D 36 23.94 6.25 -7.01
C ILE D 36 23.52 5.17 -7.95
N ASN D 37 22.82 5.55 -9.02
CA ASN D 37 22.38 4.55 -9.96
C ASN D 37 21.60 3.44 -9.27
N GLN D 38 20.71 3.86 -8.37
CA GLN D 38 19.85 2.91 -7.67
C GLN D 38 20.46 1.96 -6.65
N GLN D 39 21.67 2.24 -6.19
CA GLN D 39 22.31 1.39 -5.19
C GLN D 39 22.76 2.32 -4.08
N ILE D 40 22.45 1.94 -2.85
CA ILE D 40 22.89 2.74 -1.73
C ILE D 40 24.42 2.73 -1.66
N VAL D 41 24.98 3.88 -1.32
CA VAL D 41 26.40 4.06 -1.12
C VAL D 41 26.50 4.36 0.39
N PRO D 42 26.97 3.41 1.20
CA PRO D 42 27.09 3.62 2.66
C PRO D 42 27.85 4.92 2.97
N ARG D 43 27.34 5.67 3.93
CA ARG D 43 27.91 6.95 4.30
C ARG D 43 29.39 6.85 4.62
N GLU D 44 29.81 5.71 5.15
CA GLU D 44 31.20 5.55 5.51
C GLU D 44 32.09 5.63 4.27
N GLN D 45 31.50 5.58 3.07
CA GLN D 45 32.32 5.65 1.84
C GLN D 45 32.27 7.01 1.14
N TRP D 46 31.49 7.95 1.66
CA TRP D 46 31.33 9.22 0.94
C TRP D 46 32.57 10.06 0.79
N ALA D 47 33.51 9.97 1.73
CA ALA D 47 34.74 10.79 1.64
C ALA D 47 35.67 10.37 0.51
N GLN D 48 35.51 9.16 -0.01
CA GLN D 48 36.36 8.67 -1.11
C GLN D 48 35.62 8.31 -2.41
N HIS D 49 34.29 8.08 -2.32
CA HIS D 49 33.51 7.70 -3.50
C HIS D 49 33.45 8.83 -4.53
N ILE D 50 34.05 8.61 -5.69
CA ILE D 50 34.07 9.59 -6.76
C ILE D 50 32.75 9.59 -7.59
N VAL D 51 32.18 10.77 -7.79
CA VAL D 51 30.96 10.89 -8.56
C VAL D 51 31.36 10.91 -10.04
N GLN D 52 30.71 10.07 -10.84
CA GLN D 52 31.00 9.96 -12.28
C GLN D 52 29.97 10.53 -13.23
N ASP D 53 30.46 11.10 -14.33
CA ASP D 53 29.61 11.69 -15.34
C ASP D 53 28.42 10.78 -15.62
N GLY D 54 27.22 11.34 -15.66
CA GLY D 54 26.03 10.55 -15.92
C GLY D 54 25.51 9.78 -14.70
N ASP D 55 26.02 10.08 -13.51
CA ASP D 55 25.52 9.33 -12.34
C ASP D 55 24.13 9.82 -11.97
N GLN D 56 23.25 8.93 -11.49
CA GLN D 56 21.91 9.39 -11.08
C GLN D 56 21.93 9.29 -9.56
N ILE D 57 21.90 10.45 -8.91
CA ILE D 57 22.03 10.46 -7.47
C ILE D 57 20.78 10.89 -6.75
N LEU D 58 20.50 10.23 -5.63
CA LEU D 58 19.36 10.55 -4.76
C LEU D 58 19.91 10.75 -3.36
N LEU D 59 19.51 11.84 -2.76
CA LEU D 59 19.91 12.17 -1.42
C LEU D 59 18.59 12.30 -0.66
N PHE D 60 18.35 11.50 0.37
CA PHE D 60 17.05 11.59 1.08
C PHE D 60 17.23 11.40 2.59
N GLN D 61 16.23 11.79 3.36
CA GLN D 61 16.36 11.68 4.81
C GLN D 61 15.64 10.47 5.35
N VAL D 62 16.11 10.00 6.50
CA VAL D 62 15.47 8.87 7.14
C VAL D 62 14.06 9.28 7.68
N ILE D 63 13.09 8.36 7.61
CA ILE D 63 11.79 8.65 8.21
C ILE D 63 11.78 7.61 9.34
N ALA D 64 11.52 8.04 10.56
CA ALA D 64 11.48 7.14 11.69
C ALA D 64 10.06 6.97 12.28
N GLY D 65 9.10 7.78 11.87
CA GLY D 65 7.73 7.67 12.44
C GLY D 65 6.94 6.42 12.08
N GLY D 66 5.80 6.17 12.73
CA GLY D 66 5.05 4.96 12.45
C GLY D 66 3.66 4.88 13.06
ZN ZN E . -14.11 5.98 -22.41
CA CA F . -14.29 12.68 -24.31
NA NA G . -21.82 13.40 -7.95
ZN ZN H . 24.97 -3.67 9.33
CA CA I . -5.34 -23.69 -6.43
NA NA J . 13.78 -15.51 16.50
#